data_3FV5
#
_entry.id   3FV5
#
_cell.length_a   85.420
_cell.length_b   72.840
_cell.length_c   70.970
_cell.angle_alpha   90.00
_cell.angle_beta   96.41
_cell.angle_gamma   90.00
#
_symmetry.space_group_name_H-M   'C 1 2 1'
#
loop_
_entity.id
_entity.type
_entity.pdbx_description
1 polymer 'DNA topoisomerase 4 subunit B'
2 non-polymer 1-(4-acetyl-6-pyridin-3-yl-1H-benzimidazol-2-yl)-3-ethylurea
3 water water
#
_entity_poly.entity_id   1
_entity_poly.type   'polypeptide(L)'
_entity_poly.pdbx_seq_one_letter_code
;GLEPVRRRPGMYTDTTRPNHLGQEVIDNSVDEALAGHAKRVDVILHADQSLEVIDDGRGMPVDIHPEEGVPAVELILCRL
HAGGKFSNKNYQFSGGLHGVGISVVNALSKRVEVNVRRDGQVYNIAFENGEKVQDLQVVGTCGKRNTGTSVHFWPDETFF
DSPRFSVSRLTHVLKAKAVLCPGVEITFKDEINNTEQRWCY
;
_entity_poly.pdbx_strand_id   A,B
#
loop_
_chem_comp.id
_chem_comp.type
_chem_comp.name
_chem_comp.formula
1EU non-polymer 1-(4-acetyl-6-pyridin-3-yl-1H-benzimidazol-2-yl)-3-ethylurea 'C17 H17 N5 O2'
#
# COMPACT_ATOMS: atom_id res chain seq x y z
N GLY A 1 -9.62 3.07 4.73
CA GLY A 1 -10.23 2.63 3.45
C GLY A 1 -9.34 1.63 2.72
N LEU A 2 -9.91 0.93 1.75
CA LEU A 2 -9.15 -0.06 0.98
C LEU A 2 -8.76 0.47 -0.40
N GLU A 3 -9.19 1.68 -0.73
CA GLU A 3 -8.83 2.25 -2.03
C GLU A 3 -7.31 2.38 -2.21
N PRO A 4 -6.60 2.78 -1.16
CA PRO A 4 -5.14 2.87 -1.32
C PRO A 4 -4.49 1.53 -1.66
N VAL A 5 -5.04 0.44 -1.15
CA VAL A 5 -4.52 -0.87 -1.51
C VAL A 5 -4.78 -1.14 -2.99
N ARG A 6 -5.97 -0.76 -3.47
CA ARG A 6 -6.29 -0.97 -4.88
C ARG A 6 -5.48 -0.07 -5.81
N ARG A 7 -5.06 1.09 -5.30
CA ARG A 7 -4.26 2.03 -6.09
C ARG A 7 -2.81 1.58 -6.25
N ARG A 8 -2.26 1.00 -5.18
CA ARG A 8 -0.88 0.52 -5.22
C ARG A 8 -0.80 -0.86 -4.57
N PRO A 9 -1.35 -1.88 -5.23
CA PRO A 9 -1.36 -3.23 -4.64
C PRO A 9 0.02 -3.77 -4.32
N GLY A 10 1.01 -3.39 -5.12
CA GLY A 10 2.38 -3.85 -4.91
C GLY A 10 3.02 -3.32 -3.63
N MET A 11 2.39 -2.34 -3.01
CA MET A 11 2.84 -1.85 -1.71
C MET A 11 2.33 -2.76 -0.60
N TYR A 12 1.41 -3.67 -0.94
CA TYR A 12 0.73 -4.48 0.05
C TYR A 12 0.86 -5.99 -0.17
N THR A 13 1.23 -6.40 -1.38
CA THR A 13 1.33 -7.82 -1.68
C THR A 13 2.31 -8.07 -2.83
N ASP A 14 2.64 -9.34 -3.04
CA ASP A 14 3.39 -9.75 -4.23
C ASP A 14 2.44 -9.81 -5.42
N THR A 15 2.65 -8.91 -6.38
CA THR A 15 1.72 -8.78 -7.51
C THR A 15 2.10 -9.67 -8.68
N THR A 16 3.10 -10.53 -8.48
CA THR A 16 3.48 -11.51 -9.49
C THR A 16 2.32 -12.47 -9.75
N ARG A 17 1.73 -12.95 -8.66
CA ARG A 17 0.64 -13.94 -8.69
C ARG A 17 -0.14 -13.72 -7.39
N PRO A 18 -1.37 -14.26 -7.30
CA PRO A 18 -2.13 -14.13 -6.05
C PRO A 18 -1.69 -15.05 -4.90
N ASN A 19 -0.59 -15.78 -5.07
CA ASN A 19 -0.16 -16.70 -4.03
C ASN A 19 -0.04 -16.05 -2.66
N HIS A 20 0.51 -14.85 -2.61
CA HIS A 20 0.70 -14.18 -1.33
C HIS A 20 -0.65 -13.86 -0.68
N LEU A 21 -1.66 -13.57 -1.49
CA LEU A 21 -3.01 -13.40 -0.94
C LEU A 21 -3.40 -14.71 -0.27
N GLY A 22 -3.15 -15.81 -0.96
CA GLY A 22 -3.47 -17.11 -0.39
C GLY A 22 -2.76 -17.33 0.94
N GLN A 23 -1.50 -16.92 0.99
CA GLN A 23 -0.68 -17.14 2.19
C GLN A 23 -1.25 -16.39 3.38
N GLU A 24 -1.79 -15.20 3.12
CA GLU A 24 -2.33 -14.38 4.19
C GLU A 24 -3.54 -15.05 4.83
N VAL A 25 -4.41 -15.61 3.99
CA VAL A 25 -5.58 -16.32 4.50
C VAL A 25 -5.13 -17.58 5.23
N ILE A 26 -4.23 -18.33 4.61
CA ILE A 26 -3.64 -19.51 5.24
C ILE A 26 -3.03 -19.18 6.60
N ASP A 27 -2.28 -18.09 6.68
CA ASP A 27 -1.65 -17.68 7.94
C ASP A 27 -2.68 -17.55 9.05
N ASN A 28 -3.83 -16.98 8.72
CA ASN A 28 -4.85 -16.77 9.74
C ASN A 28 -5.44 -18.09 10.20
N SER A 29 -5.62 -19.04 9.28
CA SER A 29 -6.05 -20.37 9.69
C SER A 29 -5.00 -21.02 10.56
N VAL A 30 -3.74 -20.96 10.13
CA VAL A 30 -2.65 -21.56 10.89
C VAL A 30 -2.55 -20.97 12.29
N ASP A 31 -2.79 -19.66 12.42
CA ASP A 31 -2.76 -19.02 13.72
C ASP A 31 -3.77 -19.66 14.67
N GLU A 32 -4.95 -19.98 14.17
CA GLU A 32 -5.97 -20.65 14.97
C GLU A 32 -5.49 -22.03 15.39
N ALA A 33 -4.70 -22.66 14.54
CA ALA A 33 -4.15 -23.98 14.84
C ALA A 33 -3.06 -23.85 15.91
N LEU A 34 -2.18 -22.87 15.73
CA LEU A 34 -1.13 -22.60 16.71
C LEU A 34 -1.71 -22.24 18.08
N ALA A 35 -2.87 -21.57 18.07
CA ALA A 35 -3.54 -21.18 19.31
C ALA A 35 -4.21 -22.39 19.96
N GLY A 36 -4.24 -23.51 19.26
CA GLY A 36 -4.74 -24.74 19.84
C GLY A 36 -6.21 -25.04 19.57
N HIS A 37 -6.81 -24.29 18.64
CA HIS A 37 -8.24 -24.41 18.41
C HIS A 37 -8.58 -25.21 17.15
N ALA A 38 -7.81 -25.01 16.10
CA ALA A 38 -8.04 -25.71 14.83
C ALA A 38 -7.21 -26.97 14.77
N LYS A 39 -7.82 -28.06 14.32
CA LYS A 39 -7.12 -29.32 14.14
C LYS A 39 -6.98 -29.68 12.67
N ARG A 40 -7.67 -28.95 11.80
CA ARG A 40 -7.56 -29.18 10.37
C ARG A 40 -7.70 -27.90 9.55
N VAL A 41 -6.85 -27.76 8.55
CA VAL A 41 -6.91 -26.62 7.62
C VAL A 41 -6.95 -27.17 6.21
N ASP A 42 -8.03 -26.87 5.49
CA ASP A 42 -8.19 -27.34 4.13
C ASP A 42 -8.07 -26.18 3.16
N VAL A 43 -7.27 -26.37 2.12
CA VAL A 43 -7.14 -25.39 1.05
C VAL A 43 -7.62 -26.01 -0.25
N ILE A 44 -8.40 -25.25 -1.01
CA ILE A 44 -8.92 -25.75 -2.26
C ILE A 44 -8.65 -24.75 -3.37
N LEU A 45 -7.92 -25.18 -4.39
CA LEU A 45 -7.73 -24.39 -5.59
C LEU A 45 -8.80 -24.79 -6.60
N HIS A 46 -9.72 -23.87 -6.87
CA HIS A 46 -10.86 -24.16 -7.74
C HIS A 46 -10.49 -23.98 -9.21
N ALA A 47 -11.27 -24.58 -10.08
CA ALA A 47 -11.00 -24.56 -11.51
C ALA A 47 -10.98 -23.13 -12.08
N ASP A 48 -11.73 -22.23 -11.46
CA ASP A 48 -11.78 -20.84 -11.91
C ASP A 48 -10.68 -20.00 -11.28
N GLN A 49 -9.69 -20.67 -10.69
CA GLN A 49 -8.53 -20.04 -10.06
C GLN A 49 -8.87 -19.22 -8.81
N SER A 50 -10.03 -19.45 -8.22
CA SER A 50 -10.31 -18.88 -6.90
C SER A 50 -9.72 -19.81 -5.84
N LEU A 51 -9.42 -19.28 -4.67
CA LEU A 51 -8.86 -20.11 -3.60
C LEU A 51 -9.80 -20.10 -2.42
N GLU A 52 -9.94 -21.27 -1.79
CA GLU A 52 -10.81 -21.42 -0.64
C GLU A 52 -9.98 -21.99 0.50
N VAL A 53 -10.08 -21.37 1.67
CA VAL A 53 -9.38 -21.85 2.86
C VAL A 53 -10.39 -22.05 3.99
N ILE A 54 -10.34 -23.22 4.62
CA ILE A 54 -11.30 -23.56 5.66
C ILE A 54 -10.54 -24.11 6.86
N ASP A 55 -10.89 -23.66 8.05
CA ASP A 55 -10.40 -24.31 9.27
C ASP A 55 -11.56 -24.66 10.19
N ASP A 56 -11.30 -25.59 11.12
CA ASP A 56 -12.32 -25.99 12.08
C ASP A 56 -12.01 -25.38 13.45
N GLY A 57 -11.58 -24.13 13.44
CA GLY A 57 -11.30 -23.43 14.68
C GLY A 57 -12.55 -22.86 15.32
N ARG A 58 -12.38 -21.81 16.12
CA ARG A 58 -13.49 -21.25 16.89
C ARG A 58 -14.46 -20.45 16.03
N GLY A 59 -14.01 -20.07 14.84
CA GLY A 59 -14.81 -19.21 13.98
C GLY A 59 -14.54 -17.74 14.24
N MET A 60 -14.32 -16.97 13.18
CA MET A 60 -14.13 -15.52 13.32
C MET A 60 -15.30 -14.93 14.08
N PRO A 61 -15.01 -13.93 14.95
CA PRO A 61 -16.06 -13.26 15.72
C PRO A 61 -17.08 -12.53 14.84
N VAL A 62 -18.36 -12.71 15.14
CA VAL A 62 -19.42 -12.13 14.36
C VAL A 62 -20.22 -11.11 15.17
N ASP A 63 -19.93 -11.04 16.47
CA ASP A 63 -20.65 -10.14 17.35
C ASP A 63 -20.25 -8.69 17.12
N ILE A 64 -21.12 -7.77 17.53
CA ILE A 64 -20.78 -6.36 17.55
C ILE A 64 -20.18 -5.99 18.91
N HIS A 65 -18.95 -5.50 18.89
CA HIS A 65 -18.23 -5.17 20.12
C HIS A 65 -18.63 -3.77 20.57
N PRO A 66 -18.65 -3.54 21.90
CA PRO A 66 -18.89 -2.18 22.40
C PRO A 66 -17.87 -1.20 21.84
N GLU A 67 -18.35 -0.03 21.43
CA GLU A 67 -17.60 0.96 20.67
C GLU A 67 -17.88 0.85 19.17
N GLU A 68 -17.90 -0.37 18.66
CA GLU A 68 -18.10 -0.61 17.23
C GLU A 68 -19.58 -0.74 16.88
N GLY A 69 -19.94 -0.29 15.69
CA GLY A 69 -21.33 -0.40 15.27
C GLY A 69 -21.53 -1.48 14.22
N VAL A 70 -20.48 -2.27 14.01
CA VAL A 70 -20.45 -3.24 12.91
C VAL A 70 -19.86 -4.56 13.38
N PRO A 71 -20.33 -5.69 12.81
CA PRO A 71 -19.85 -7.01 13.23
C PRO A 71 -18.33 -7.14 13.10
N ALA A 72 -17.72 -7.81 14.08
CA ALA A 72 -16.27 -7.96 14.11
C ALA A 72 -15.73 -8.45 12.77
N VAL A 73 -16.35 -9.49 12.24
CA VAL A 73 -15.91 -10.08 10.98
C VAL A 73 -15.84 -9.06 9.85
N GLU A 74 -16.78 -8.12 9.84
CA GLU A 74 -16.78 -7.10 8.80
C GLU A 74 -15.58 -6.18 8.97
N LEU A 75 -15.23 -5.86 10.21
CA LEU A 75 -14.07 -5.01 10.48
C LEU A 75 -12.79 -5.72 10.06
N ILE A 76 -12.72 -7.01 10.40
CA ILE A 76 -11.56 -7.81 10.06
C ILE A 76 -11.33 -7.82 8.56
N LEU A 77 -12.42 -7.87 7.80
CA LEU A 77 -12.33 -7.95 6.36
C LEU A 77 -12.10 -6.57 5.71
N CYS A 78 -12.58 -5.52 6.34
CA CYS A 78 -12.65 -4.21 5.67
C CYS A 78 -11.72 -3.15 6.26
N ARG A 79 -11.16 -3.42 7.43
CA ARG A 79 -10.33 -2.44 8.11
C ARG A 79 -8.86 -2.71 7.81
N LEU A 80 -8.17 -1.72 7.28
CA LEU A 80 -6.77 -1.88 6.91
C LEU A 80 -5.86 -1.66 8.11
N ILE A 102 -6.28 -9.67 6.64
CA ILE A 102 -6.81 -10.28 5.38
C ILE A 102 -7.62 -9.25 4.61
N SER A 103 -7.57 -8.00 5.08
CA SER A 103 -8.28 -6.92 4.41
C SER A 103 -7.66 -6.63 3.04
N VAL A 104 -6.38 -6.95 2.89
CA VAL A 104 -5.72 -6.79 1.60
C VAL A 104 -6.26 -7.80 0.60
N VAL A 105 -6.56 -9.01 1.07
CA VAL A 105 -7.13 -10.02 0.21
C VAL A 105 -8.47 -9.50 -0.31
N ASN A 106 -9.26 -8.92 0.58
CA ASN A 106 -10.58 -8.40 0.22
C ASN A 106 -10.44 -7.29 -0.83
N ALA A 107 -9.51 -6.37 -0.58
CA ALA A 107 -9.31 -5.22 -1.46
C ALA A 107 -8.98 -5.62 -2.90
N LEU A 108 -8.20 -6.69 -3.03
CA LEU A 108 -7.69 -7.10 -4.34
C LEU A 108 -8.47 -8.27 -4.95
N SER A 109 -9.65 -8.56 -4.41
CA SER A 109 -10.50 -9.64 -4.93
C SER A 109 -11.80 -9.14 -5.55
N LYS A 110 -12.18 -9.73 -6.67
CA LYS A 110 -13.44 -9.43 -7.34
C LYS A 110 -14.61 -9.86 -6.45
N ARG A 111 -14.40 -10.91 -5.66
CA ARG A 111 -15.40 -11.36 -4.70
C ARG A 111 -14.72 -12.12 -3.59
N VAL A 112 -15.24 -11.95 -2.38
CA VAL A 112 -14.83 -12.74 -1.22
C VAL A 112 -16.08 -13.20 -0.49
N GLU A 113 -16.15 -14.49 -0.20
CA GLU A 113 -17.24 -15.05 0.60
C GLU A 113 -16.67 -15.58 1.90
N VAL A 114 -17.21 -15.11 3.01
CA VAL A 114 -16.80 -15.61 4.31
C VAL A 114 -17.97 -16.31 4.98
N ASN A 115 -17.74 -17.54 5.42
CA ASN A 115 -18.75 -18.28 6.14
C ASN A 115 -18.16 -18.75 7.47
N VAL A 116 -18.92 -18.55 8.53
CA VAL A 116 -18.45 -18.87 9.86
C VAL A 116 -19.47 -19.74 10.58
N ARG A 117 -18.99 -20.79 11.23
CA ARG A 117 -19.82 -21.58 12.12
C ARG A 117 -19.39 -21.31 13.56
N ARG A 118 -20.33 -20.79 14.35
CA ARG A 118 -20.10 -20.46 15.75
C ARG A 118 -21.43 -20.54 16.48
N ASP A 119 -21.40 -20.98 17.73
CA ASP A 119 -22.58 -20.91 18.59
C ASP A 119 -23.77 -21.61 17.92
N GLY A 120 -23.49 -22.67 17.17
CA GLY A 120 -24.55 -23.46 16.58
C GLY A 120 -25.25 -22.78 15.41
N GLN A 121 -24.68 -21.68 14.92
CA GLN A 121 -25.25 -20.98 13.77
C GLN A 121 -24.24 -20.86 12.65
N VAL A 122 -24.73 -20.86 11.41
CA VAL A 122 -23.90 -20.61 10.25
C VAL A 122 -24.12 -19.18 9.77
N TYR A 123 -23.03 -18.42 9.66
CA TYR A 123 -23.10 -17.01 9.26
C TYR A 123 -22.45 -16.82 7.89
N ASN A 124 -23.03 -15.96 7.08
CA ASN A 124 -22.47 -15.65 5.77
C ASN A 124 -22.35 -14.15 5.61
N ILE A 125 -21.32 -13.74 4.89
CA ILE A 125 -21.12 -12.35 4.53
C ILE A 125 -20.26 -12.34 3.27
N ALA A 126 -20.42 -11.33 2.42
CA ALA A 126 -19.70 -11.33 1.16
C ALA A 126 -19.35 -9.94 0.69
N PHE A 127 -18.25 -9.86 -0.06
CA PHE A 127 -17.69 -8.59 -0.53
C PHE A 127 -17.37 -8.71 -2.01
N GLU A 128 -17.38 -7.58 -2.71
CA GLU A 128 -16.87 -7.53 -4.08
C GLU A 128 -16.07 -6.24 -4.30
N ASN A 129 -14.88 -6.39 -4.86
CA ASN A 129 -14.02 -5.24 -5.13
C ASN A 129 -13.73 -4.48 -3.84
N GLY A 130 -13.70 -5.20 -2.73
CA GLY A 130 -13.35 -4.59 -1.46
C GLY A 130 -14.51 -3.94 -0.73
N GLU A 131 -15.71 -4.03 -1.30
CA GLU A 131 -16.89 -3.46 -0.67
C GLU A 131 -17.91 -4.54 -0.32
N LYS A 132 -18.58 -4.40 0.82
CA LYS A 132 -19.58 -5.39 1.23
C LYS A 132 -20.76 -5.37 0.26
N VAL A 133 -21.16 -6.55 -0.20
CA VAL A 133 -22.37 -6.68 -1.03
C VAL A 133 -23.46 -7.52 -0.37
N GLN A 134 -23.09 -8.21 0.71
CA GLN A 134 -24.06 -8.99 1.49
C GLN A 134 -23.84 -8.79 2.97
N ASP A 135 -24.86 -8.30 3.67
CA ASP A 135 -24.78 -8.09 5.11
C ASP A 135 -24.57 -9.43 5.82
N LEU A 136 -23.86 -9.40 6.94
CA LEU A 136 -23.77 -10.58 7.79
C LEU A 136 -25.18 -11.14 7.96
N GLN A 137 -25.35 -12.42 7.70
CA GLN A 137 -26.67 -13.05 7.78
C GLN A 137 -26.55 -14.46 8.37
N VAL A 138 -27.44 -14.78 9.29
CA VAL A 138 -27.57 -16.17 9.76
C VAL A 138 -28.32 -16.97 8.71
N VAL A 139 -27.68 -18.01 8.20
CA VAL A 139 -28.24 -18.77 7.10
C VAL A 139 -28.41 -20.26 7.40
N GLY A 140 -28.07 -20.66 8.62
CA GLY A 140 -28.25 -22.05 9.00
C GLY A 140 -27.91 -22.32 10.44
N THR A 141 -28.12 -23.58 10.86
CA THR A 141 -27.77 -24.02 12.20
C THR A 141 -26.94 -25.28 12.13
N CYS A 142 -26.14 -25.51 13.15
CA CYS A 142 -25.23 -26.66 13.16
C CYS A 142 -25.00 -27.14 14.58
N GLY A 143 -24.30 -28.26 14.72
CA GLY A 143 -23.95 -28.74 16.04
C GLY A 143 -23.15 -27.72 16.82
N LYS A 144 -23.26 -27.77 18.14
CA LYS A 144 -22.57 -26.82 19.02
C LYS A 144 -21.05 -26.91 18.81
N ARG A 145 -20.56 -28.11 18.51
CA ARG A 145 -19.13 -28.34 18.35
C ARG A 145 -18.67 -28.18 16.92
N ASN A 146 -19.62 -27.96 16.01
CA ASN A 146 -19.30 -27.68 14.62
C ASN A 146 -18.94 -26.19 14.49
N THR A 147 -17.65 -25.89 14.50
CA THR A 147 -17.19 -24.50 14.43
C THR A 147 -16.07 -24.35 13.41
N GLY A 148 -15.86 -23.12 12.93
CA GLY A 148 -14.80 -22.89 11.98
C GLY A 148 -15.03 -21.70 11.08
N THR A 149 -14.06 -21.45 10.18
CA THR A 149 -14.12 -20.30 9.29
C THR A 149 -13.75 -20.74 7.88
N SER A 150 -14.52 -20.25 6.90
CA SER A 150 -14.18 -20.47 5.49
C SER A 150 -14.06 -19.13 4.80
N VAL A 151 -12.96 -18.94 4.08
CA VAL A 151 -12.79 -17.75 3.23
C VAL A 151 -12.55 -18.21 1.80
N HIS A 152 -13.40 -17.76 0.89
CA HIS A 152 -13.28 -18.15 -0.51
C HIS A 152 -13.15 -16.84 -1.29
N PHE A 153 -12.01 -16.64 -1.97
CA PHE A 153 -11.83 -15.39 -2.69
C PHE A 153 -11.42 -15.57 -4.15
N TRP A 154 -11.83 -14.60 -4.96
CA TRP A 154 -11.57 -14.61 -6.40
C TRP A 154 -10.69 -13.40 -6.73
N PRO A 155 -9.38 -13.61 -6.86
CA PRO A 155 -8.48 -12.48 -7.10
C PRO A 155 -8.89 -11.71 -8.37
N ASP A 156 -8.77 -10.38 -8.32
CA ASP A 156 -9.00 -9.58 -9.52
C ASP A 156 -7.73 -9.60 -10.38
N GLU A 157 -7.85 -10.20 -11.56
CA GLU A 157 -6.71 -10.41 -12.42
C GLU A 157 -6.00 -9.10 -12.80
N THR A 158 -6.69 -7.97 -12.66
CA THR A 158 -6.12 -6.70 -13.09
C THR A 158 -4.99 -6.21 -12.17
N PHE A 159 -4.91 -6.79 -10.97
CA PHE A 159 -3.87 -6.39 -10.02
C PHE A 159 -2.60 -7.24 -10.09
N PHE A 160 -2.64 -8.32 -10.86
CA PHE A 160 -1.55 -9.29 -10.87
C PHE A 160 -0.95 -9.53 -12.24
N ASP A 161 0.36 -9.79 -12.28
CA ASP A 161 1.03 -10.11 -13.53
C ASP A 161 0.39 -11.37 -14.14
N SER A 162 0.16 -12.36 -13.30
CA SER A 162 -0.59 -13.55 -13.69
C SER A 162 -1.69 -13.84 -12.67
N PRO A 163 -2.89 -14.19 -13.14
CA PRO A 163 -4.01 -14.58 -12.27
C PRO A 163 -3.82 -15.98 -11.68
N ARG A 164 -2.89 -16.73 -12.26
CA ARG A 164 -2.72 -18.14 -11.89
C ARG A 164 -1.97 -18.31 -10.58
N PHE A 165 -2.54 -19.11 -9.69
CA PHE A 165 -1.81 -19.59 -8.52
C PHE A 165 -0.73 -20.58 -8.97
N SER A 166 0.47 -20.42 -8.44
CA SER A 166 1.49 -21.44 -8.61
C SER A 166 1.25 -22.58 -7.62
N VAL A 167 1.01 -23.78 -8.16
CA VAL A 167 0.75 -24.95 -7.33
C VAL A 167 1.96 -25.34 -6.48
N SER A 168 3.16 -25.24 -7.05
CA SER A 168 4.37 -25.61 -6.33
C SER A 168 4.60 -24.67 -5.15
N ARG A 169 4.38 -23.38 -5.36
CA ARG A 169 4.53 -22.41 -4.28
C ARG A 169 3.52 -22.67 -3.16
N LEU A 170 2.29 -23.01 -3.52
CA LEU A 170 1.28 -23.35 -2.52
C LEU A 170 1.69 -24.59 -1.72
N THR A 171 2.22 -25.59 -2.41
CA THR A 171 2.61 -26.83 -1.73
C THR A 171 3.79 -26.61 -0.78
N HIS A 172 4.76 -25.81 -1.20
CA HIS A 172 5.88 -25.47 -0.32
C HIS A 172 5.39 -24.76 0.94
N VAL A 173 4.48 -23.81 0.75
CA VAL A 173 3.92 -23.07 1.87
C VAL A 173 3.21 -24.01 2.84
N LEU A 174 2.35 -24.87 2.31
CA LEU A 174 1.53 -25.72 3.17
C LEU A 174 2.33 -26.81 3.89
N LYS A 175 3.34 -27.36 3.20
CA LYS A 175 4.26 -28.27 3.87
C LYS A 175 4.96 -27.53 5.01
N ALA A 176 5.35 -26.29 4.76
CA ALA A 176 6.02 -25.50 5.79
C ALA A 176 5.12 -25.28 7.00
N LYS A 177 3.85 -24.97 6.76
CA LYS A 177 2.91 -24.75 7.86
C LYS A 177 2.64 -26.04 8.64
N ALA A 178 2.57 -27.16 7.93
CA ALA A 178 2.26 -28.43 8.59
C ALA A 178 3.35 -28.80 9.59
N VAL A 179 4.61 -28.59 9.20
CA VAL A 179 5.71 -28.89 10.12
C VAL A 179 5.74 -27.94 11.30
N LEU A 180 5.31 -26.70 11.08
CA LEU A 180 5.21 -25.70 12.13
C LEU A 180 4.14 -26.07 13.15
N CYS A 181 3.12 -26.80 12.71
CA CYS A 181 2.02 -27.19 13.59
C CYS A 181 1.83 -28.70 13.66
N PRO A 182 2.79 -29.44 14.22
CA PRO A 182 2.59 -30.88 14.26
C PRO A 182 1.26 -31.26 14.87
N GLY A 183 0.62 -32.28 14.30
CA GLY A 183 -0.67 -32.72 14.80
C GLY A 183 -1.87 -32.10 14.09
N VAL A 184 -1.67 -30.93 13.47
CA VAL A 184 -2.74 -30.31 12.69
C VAL A 184 -2.72 -30.92 11.30
N GLU A 185 -3.87 -31.35 10.79
CA GLU A 185 -3.91 -31.87 9.43
C GLU A 185 -4.09 -30.73 8.44
N ILE A 186 -3.26 -30.71 7.41
CA ILE A 186 -3.41 -29.73 6.34
C ILE A 186 -3.65 -30.46 5.03
N THR A 187 -4.64 -30.00 4.26
CA THR A 187 -4.93 -30.65 2.99
C THR A 187 -4.94 -29.63 1.87
N PHE A 188 -4.60 -30.09 0.67
CA PHE A 188 -4.63 -29.22 -0.50
C PHE A 188 -5.30 -29.97 -1.63
N LYS A 189 -6.48 -29.48 -2.02
CA LYS A 189 -7.23 -30.07 -3.12
C LYS A 189 -7.09 -29.15 -4.33
N ASP A 190 -6.43 -29.67 -5.36
CA ASP A 190 -6.22 -28.91 -6.59
C ASP A 190 -7.20 -29.39 -7.65
N GLU A 191 -8.29 -28.64 -7.82
CA GLU A 191 -9.37 -29.05 -8.71
C GLU A 191 -9.07 -28.72 -10.17
N ILE A 192 -7.90 -28.16 -10.42
CA ILE A 192 -7.45 -27.90 -11.78
C ILE A 192 -6.69 -29.13 -12.29
N ASN A 193 -5.77 -29.63 -11.47
CA ASN A 193 -4.97 -30.78 -11.86
C ASN A 193 -5.50 -32.06 -11.22
N ASN A 194 -6.58 -31.93 -10.46
CA ASN A 194 -7.27 -33.08 -9.90
C ASN A 194 -6.37 -33.91 -8.99
N THR A 195 -5.74 -33.24 -8.03
CA THR A 195 -4.94 -33.92 -7.02
C THR A 195 -5.37 -33.47 -5.63
N GLU A 196 -5.12 -34.31 -4.63
CA GLU A 196 -5.21 -33.88 -3.25
C GLU A 196 -4.01 -34.35 -2.44
N GLN A 197 -3.43 -33.44 -1.68
CA GLN A 197 -2.32 -33.76 -0.80
C GLN A 197 -2.72 -33.53 0.66
N ARG A 198 -2.22 -34.41 1.52
CA ARG A 198 -2.48 -34.32 2.95
C ARG A 198 -1.17 -34.38 3.70
N TRP A 199 -1.02 -33.48 4.68
CA TRP A 199 0.14 -33.45 5.56
C TRP A 199 -0.36 -33.54 7.00
N CYS A 200 0.35 -34.27 7.84
CA CYS A 200 0.10 -34.21 9.28
C CYS A 200 1.32 -34.77 9.99
N TYR A 201 2.06 -33.89 10.66
CA TYR A 201 3.33 -34.27 11.26
C TYR A 201 3.22 -34.54 12.76
N GLY B 1 28.56 12.49 -4.63
CA GLY B 1 28.08 11.93 -3.34
C GLY B 1 27.27 12.93 -2.53
N LEU B 2 26.45 12.43 -1.60
CA LEU B 2 25.62 13.31 -0.78
C LEU B 2 26.23 13.51 0.61
N GLU B 3 27.32 12.83 0.90
CA GLU B 3 27.96 12.96 2.21
C GLU B 3 28.38 14.40 2.52
N PRO B 4 28.95 15.10 1.54
CA PRO B 4 29.35 16.49 1.83
C PRO B 4 28.19 17.41 2.19
N VAL B 5 27.01 17.15 1.62
CA VAL B 5 25.84 17.95 1.96
C VAL B 5 25.47 17.71 3.42
N ARG B 6 25.54 16.46 3.86
CA ARG B 6 25.24 16.12 5.25
C ARG B 6 26.27 16.70 6.22
N ARG B 7 27.51 16.87 5.74
CA ARG B 7 28.57 17.40 6.57
C ARG B 7 28.48 18.92 6.74
N ARG B 8 28.05 19.61 5.69
CA ARG B 8 27.88 21.05 5.76
C ARG B 8 26.57 21.45 5.08
N PRO B 9 25.43 21.13 5.69
CA PRO B 9 24.13 21.44 5.10
C PRO B 9 23.95 22.94 4.82
N GLY B 10 24.61 23.77 5.62
CA GLY B 10 24.47 25.22 5.48
C GLY B 10 25.11 25.75 4.21
N MET B 11 25.91 24.92 3.55
CA MET B 11 26.50 25.30 2.29
C MET B 11 25.52 25.03 1.15
N TYR B 12 24.42 24.35 1.46
CA TYR B 12 23.49 23.88 0.44
C TYR B 12 22.05 24.34 0.65
N THR B 13 21.71 24.77 1.86
CA THR B 13 20.34 25.15 2.14
C THR B 13 20.29 26.12 3.31
N ASP B 14 19.12 26.69 3.56
CA ASP B 14 18.88 27.51 4.74
C ASP B 14 18.56 26.60 5.92
N THR B 15 19.47 26.51 6.88
CA THR B 15 19.33 25.57 7.98
C THR B 15 18.54 26.15 9.17
N THR B 16 17.95 27.32 8.96
CA THR B 16 17.04 27.89 9.96
C THR B 16 15.85 26.95 10.17
N ARG B 17 15.27 26.51 9.07
CA ARG B 17 14.24 25.48 9.09
C ARG B 17 14.11 24.88 7.68
N PRO B 18 13.32 23.82 7.52
CA PRO B 18 13.32 23.13 6.23
C PRO B 18 12.53 23.79 5.09
N ASN B 19 12.08 25.02 5.26
CA ASN B 19 11.27 25.65 4.22
C ASN B 19 11.98 25.65 2.87
N HIS B 20 13.27 25.96 2.86
CA HIS B 20 14.02 26.00 1.62
C HIS B 20 14.02 24.64 0.93
N LEU B 21 14.10 23.57 1.72
CA LEU B 21 13.99 22.23 1.14
C LEU B 21 12.64 22.13 0.42
N GLY B 22 11.59 22.60 1.09
CA GLY B 22 10.27 22.56 0.48
C GLY B 22 10.24 23.33 -0.82
N GLN B 23 10.87 24.49 -0.82
CA GLN B 23 10.87 25.36 -1.99
C GLN B 23 11.58 24.69 -3.17
N GLU B 24 12.61 23.90 -2.88
CA GLU B 24 13.31 23.20 -3.94
C GLU B 24 12.38 22.20 -4.62
N VAL B 25 11.63 21.45 -3.82
CA VAL B 25 10.71 20.46 -4.37
C VAL B 25 9.60 21.19 -5.10
N ILE B 26 9.03 22.22 -4.47
CA ILE B 26 8.00 23.03 -5.10
C ILE B 26 8.48 23.59 -6.45
N ASP B 27 9.71 24.11 -6.48
CA ASP B 27 10.27 24.66 -7.71
C ASP B 27 10.25 23.65 -8.86
N ASN B 28 10.54 22.39 -8.55
CA ASN B 28 10.56 21.38 -9.60
C ASN B 28 9.16 21.13 -10.16
N SER B 29 8.15 21.15 -9.28
CA SER B 29 6.78 20.99 -9.72
C SER B 29 6.35 22.18 -10.57
N VAL B 30 6.72 23.37 -10.15
CA VAL B 30 6.36 24.59 -10.88
C VAL B 30 7.02 24.59 -12.26
N ASP B 31 8.22 24.03 -12.35
CA ASP B 31 8.89 23.90 -13.63
C ASP B 31 8.10 23.04 -14.62
N GLU B 32 7.52 21.94 -14.13
CA GLU B 32 6.67 21.11 -14.97
C GLU B 32 5.47 21.92 -15.44
N ALA B 33 4.99 22.80 -14.57
CA ALA B 33 3.83 23.62 -14.88
C ALA B 33 4.20 24.69 -15.89
N LEU B 34 5.37 25.29 -15.70
CA LEU B 34 5.85 26.31 -16.63
C LEU B 34 6.11 25.74 -18.02
N ALA B 35 6.49 24.47 -18.08
CA ALA B 35 6.73 23.80 -19.35
C ALA B 35 5.42 23.39 -20.01
N GLY B 36 4.31 23.63 -19.31
CA GLY B 36 3.01 23.42 -19.90
C GLY B 36 2.43 22.03 -19.68
N HIS B 37 3.00 21.28 -18.74
CA HIS B 37 2.61 19.88 -18.56
C HIS B 37 1.75 19.63 -17.33
N ALA B 38 1.98 20.39 -16.28
CA ALA B 38 1.22 20.24 -15.04
C ALA B 38 0.17 21.35 -14.92
N LYS B 39 -1.03 20.98 -14.51
CA LYS B 39 -2.12 21.95 -14.34
C LYS B 39 -2.45 22.16 -12.87
N ARG B 40 -1.91 21.31 -12.01
CA ARG B 40 -2.15 21.45 -10.58
C ARG B 40 -0.95 21.01 -9.76
N VAL B 41 -0.61 21.81 -8.74
CA VAL B 41 0.46 21.47 -7.81
C VAL B 41 -0.11 21.53 -6.41
N ASP B 42 -0.09 20.40 -5.72
CA ASP B 42 -0.64 20.31 -4.37
C ASP B 42 0.48 20.16 -3.35
N VAL B 43 0.42 20.97 -2.30
CA VAL B 43 1.38 20.86 -1.22
C VAL B 43 0.65 20.51 0.07
N ILE B 44 1.17 19.52 0.79
CA ILE B 44 0.55 19.09 2.03
C ILE B 44 1.57 19.13 3.16
N LEU B 45 1.28 19.93 4.18
CA LEU B 45 2.08 19.92 5.41
C LEU B 45 1.41 18.94 6.37
N HIS B 46 2.08 17.83 6.63
CA HIS B 46 1.54 16.78 7.49
C HIS B 46 1.77 17.08 8.96
N ALA B 47 0.99 16.44 9.82
CA ALA B 47 1.04 16.69 11.25
C ALA B 47 2.40 16.35 11.84
N ASP B 48 3.10 15.39 11.25
CA ASP B 48 4.43 15.04 11.73
C ASP B 48 5.51 15.96 11.17
N GLN B 49 5.08 17.07 10.57
CA GLN B 49 5.95 18.09 9.99
C GLN B 49 6.72 17.63 8.75
N SER B 50 6.28 16.54 8.13
CA SER B 50 6.82 16.18 6.83
C SER B 50 6.07 16.98 5.77
N LEU B 51 6.67 17.15 4.60
CA LEU B 51 6.03 17.90 3.54
C LEU B 51 5.87 17.02 2.31
N GLU B 52 4.72 17.11 1.67
CA GLU B 52 4.47 16.35 0.46
C GLU B 52 4.09 17.29 -0.68
N VAL B 53 4.75 17.13 -1.82
CA VAL B 53 4.44 17.93 -3.00
C VAL B 53 4.03 17.01 -4.15
N ILE B 54 2.94 17.36 -4.80
CA ILE B 54 2.39 16.52 -5.87
C ILE B 54 2.07 17.37 -7.07
N ASP B 55 2.50 16.95 -8.26
CA ASP B 55 2.02 17.55 -9.49
C ASP B 55 1.42 16.53 -10.44
N ASP B 56 0.60 17.00 -11.37
CA ASP B 56 -0.02 16.12 -12.35
C ASP B 56 0.65 16.30 -13.71
N GLY B 57 1.97 16.51 -13.68
CA GLY B 57 2.74 16.64 -14.91
C GLY B 57 3.04 15.30 -15.56
N ARG B 58 4.14 15.24 -16.32
CA ARG B 58 4.47 14.04 -17.07
C ARG B 58 4.97 12.90 -16.18
N GLY B 59 5.46 13.23 -15.00
CA GLY B 59 6.10 12.23 -14.14
C GLY B 59 7.59 12.15 -14.39
N MET B 60 8.38 12.15 -13.31
CA MET B 60 9.83 12.00 -13.44
C MET B 60 10.15 10.75 -14.25
N PRO B 61 11.13 10.83 -15.15
CA PRO B 61 11.52 9.67 -15.95
C PRO B 61 12.05 8.54 -15.08
N VAL B 62 11.75 7.31 -15.49
CA VAL B 62 12.17 6.12 -14.75
C VAL B 62 13.04 5.19 -15.60
N ASP B 63 13.31 5.59 -16.84
CA ASP B 63 14.09 4.74 -17.73
C ASP B 63 15.54 4.64 -17.26
N ILE B 64 16.16 3.49 -17.49
CA ILE B 64 17.56 3.28 -17.11
C ILE B 64 18.48 4.07 -18.03
N HIS B 65 19.32 4.91 -17.44
CA HIS B 65 20.43 5.51 -18.17
C HIS B 65 21.58 4.51 -18.22
N PRO B 66 21.97 4.09 -19.43
CA PRO B 66 22.99 3.04 -19.59
C PRO B 66 24.34 3.43 -18.99
N GLU B 67 24.66 4.72 -19.04
CA GLU B 67 25.92 5.22 -18.52
C GLU B 67 26.18 4.70 -17.11
N GLU B 68 25.15 4.76 -16.27
CA GLU B 68 25.27 4.34 -14.88
C GLU B 68 24.47 3.08 -14.57
N GLY B 69 23.58 2.71 -15.49
CA GLY B 69 22.77 1.52 -15.28
C GLY B 69 21.75 1.68 -14.18
N VAL B 70 21.33 2.91 -13.93
CA VAL B 70 20.36 3.22 -12.90
C VAL B 70 19.23 4.10 -13.44
N PRO B 71 18.01 3.93 -12.91
CA PRO B 71 16.84 4.69 -13.38
C PRO B 71 17.06 6.20 -13.26
N ALA B 72 16.51 6.96 -14.21
CA ALA B 72 16.67 8.41 -14.19
C ALA B 72 16.27 9.00 -12.83
N VAL B 73 15.13 8.56 -12.31
CA VAL B 73 14.62 9.10 -11.06
C VAL B 73 15.61 8.93 -9.90
N GLU B 74 16.35 7.83 -9.89
CA GLU B 74 17.32 7.61 -8.83
C GLU B 74 18.49 8.58 -8.96
N LEU B 75 18.90 8.86 -10.19
CA LEU B 75 19.97 9.83 -10.43
C LEU B 75 19.54 11.22 -10.00
N ILE B 76 18.31 11.57 -10.31
CA ILE B 76 17.77 12.88 -9.95
C ILE B 76 17.77 13.08 -8.44
N LEU B 77 17.48 12.02 -7.70
CA LEU B 77 17.43 12.15 -6.25
C LEU B 77 18.79 11.98 -5.56
N CYS B 78 19.72 11.30 -6.22
CA CYS B 78 20.97 10.90 -5.56
C CYS B 78 22.22 11.61 -6.07
N ARG B 79 22.11 12.25 -7.22
CA ARG B 79 23.27 12.87 -7.85
C ARG B 79 23.32 14.36 -7.51
N LEU B 80 24.45 14.78 -6.95
CA LEU B 80 24.60 16.16 -6.50
C LEU B 80 24.91 17.09 -7.69
N GLY B 101 18.63 20.28 -7.33
CA GLY B 101 18.27 20.71 -5.95
C GLY B 101 17.63 19.60 -5.13
N ILE B 102 16.83 18.77 -5.79
CA ILE B 102 16.13 17.69 -5.11
C ILE B 102 17.07 16.77 -4.35
N SER B 103 18.29 16.61 -4.84
CA SER B 103 19.25 15.71 -4.20
C SER B 103 19.60 16.23 -2.80
N VAL B 104 19.62 17.55 -2.65
CA VAL B 104 19.87 18.13 -1.33
C VAL B 104 18.75 17.82 -0.33
N VAL B 105 17.52 17.83 -0.82
CA VAL B 105 16.38 17.46 0.01
C VAL B 105 16.58 16.02 0.50
N ASN B 106 17.01 15.16 -0.42
CA ASN B 106 17.22 13.75 -0.11
C ASN B 106 18.31 13.60 0.94
N ALA B 107 19.41 14.31 0.75
CA ALA B 107 20.55 14.24 1.67
C ALA B 107 20.19 14.62 3.10
N LEU B 108 19.27 15.57 3.26
CA LEU B 108 18.98 16.13 4.57
C LEU B 108 17.66 15.62 5.17
N SER B 109 17.14 14.54 4.61
CA SER B 109 15.87 13.97 5.07
C SER B 109 16.05 12.57 5.68
N LYS B 110 15.36 12.33 6.80
CA LYS B 110 15.31 11.01 7.42
C LYS B 110 14.67 10.00 6.48
N ARG B 111 13.71 10.45 5.67
CA ARG B 111 13.11 9.60 4.65
C ARG B 111 12.56 10.44 3.51
N VAL B 112 12.65 9.90 2.30
CA VAL B 112 11.99 10.47 1.15
C VAL B 112 11.28 9.36 0.38
N GLU B 113 10.00 9.57 0.12
CA GLU B 113 9.22 8.66 -0.70
C GLU B 113 8.88 9.35 -2.01
N VAL B 114 9.22 8.72 -3.12
CA VAL B 114 8.87 9.28 -4.42
C VAL B 114 7.94 8.32 -5.14
N ASN B 115 6.82 8.84 -5.64
CA ASN B 115 5.89 8.03 -6.40
C ASN B 115 5.59 8.74 -7.71
N VAL B 116 5.69 7.98 -8.79
CA VAL B 116 5.54 8.54 -10.14
C VAL B 116 4.45 7.76 -10.85
N ARG B 117 3.56 8.46 -11.53
CA ARG B 117 2.64 7.82 -12.46
C ARG B 117 3.01 8.23 -13.89
N ARG B 118 3.36 7.23 -14.70
CA ARG B 118 3.82 7.42 -16.07
C ARG B 118 3.49 6.16 -16.87
N ASP B 119 3.07 6.34 -18.12
CA ASP B 119 2.92 5.22 -19.02
C ASP B 119 2.01 4.13 -18.45
N GLY B 120 1.05 4.53 -17.63
CA GLY B 120 0.05 3.61 -17.13
C GLY B 120 0.52 2.78 -15.94
N GLN B 121 1.69 3.11 -15.41
CA GLN B 121 2.23 2.40 -14.25
C GLN B 121 2.46 3.34 -13.08
N VAL B 122 2.31 2.81 -11.87
CA VAL B 122 2.67 3.55 -10.66
C VAL B 122 4.01 3.04 -10.14
N TYR B 123 4.97 3.94 -10.00
CA TYR B 123 6.32 3.59 -9.58
C TYR B 123 6.58 4.12 -8.18
N ASN B 124 7.29 3.34 -7.37
CA ASN B 124 7.68 3.80 -6.05
C ASN B 124 9.17 3.59 -5.84
N ILE B 125 9.79 4.50 -5.13
CA ILE B 125 11.19 4.36 -4.71
C ILE B 125 11.36 5.17 -3.43
N ALA B 126 12.29 4.77 -2.56
CA ALA B 126 12.43 5.45 -1.29
C ALA B 126 13.86 5.48 -0.77
N PHE B 127 14.14 6.53 -0.01
CA PHE B 127 15.48 6.80 0.51
C PHE B 127 15.37 7.10 2.00
N GLU B 128 16.44 6.84 2.75
CA GLU B 128 16.51 7.30 4.13
C GLU B 128 17.93 7.81 4.41
N ASN B 129 18.02 8.99 5.00
CA ASN B 129 19.32 9.57 5.31
C ASN B 129 20.16 9.68 4.05
N GLY B 130 19.50 9.89 2.91
CA GLY B 130 20.20 10.10 1.66
C GLY B 130 20.63 8.82 0.95
N GLU B 131 20.24 7.68 1.50
CA GLU B 131 20.57 6.40 0.86
C GLU B 131 19.29 5.70 0.42
N LYS B 132 19.33 5.06 -0.75
CA LYS B 132 18.17 4.31 -1.23
C LYS B 132 17.90 3.12 -0.31
N VAL B 133 16.65 2.96 0.11
CA VAL B 133 16.25 1.80 0.92
C VAL B 133 15.20 0.95 0.22
N GLN B 134 14.59 1.50 -0.82
CA GLN B 134 13.66 0.74 -1.66
C GLN B 134 13.99 0.95 -3.12
N ASP B 135 14.34 -0.13 -3.82
CA ASP B 135 14.60 -0.08 -5.26
C ASP B 135 13.34 0.41 -5.97
N LEU B 136 13.52 1.10 -7.10
CA LEU B 136 12.38 1.47 -7.94
C LEU B 136 11.55 0.21 -8.22
N GLN B 137 10.24 0.33 -8.02
CA GLN B 137 9.35 -0.81 -8.16
C GLN B 137 8.02 -0.34 -8.77
N VAL B 138 7.49 -1.14 -9.69
CA VAL B 138 6.13 -0.93 -10.18
C VAL B 138 5.17 -1.56 -9.18
N VAL B 139 4.26 -0.74 -8.64
CA VAL B 139 3.39 -1.17 -7.55
C VAL B 139 1.91 -0.98 -7.89
N GLY B 140 1.63 -0.54 -9.12
CA GLY B 140 0.25 -0.39 -9.54
C GLY B 140 0.12 -0.02 -11.00
N THR B 141 -1.12 0.02 -11.48
CA THR B 141 -1.41 0.52 -12.82
C THR B 141 -2.44 1.64 -12.71
N CYS B 142 -2.47 2.48 -13.73
CA CYS B 142 -3.39 3.62 -13.72
C CYS B 142 -3.73 3.99 -15.15
N GLY B 143 -4.67 4.92 -15.30
CA GLY B 143 -5.05 5.37 -16.62
C GLY B 143 -3.90 5.96 -17.40
N LYS B 144 -3.97 5.85 -18.73
CA LYS B 144 -2.92 6.35 -19.59
C LYS B 144 -2.63 7.83 -19.34
N ARG B 145 -3.68 8.59 -19.03
CA ARG B 145 -3.54 10.03 -18.84
C ARG B 145 -3.40 10.44 -17.37
N ASN B 146 -3.47 9.47 -16.47
CA ASN B 146 -3.19 9.72 -15.06
C ASN B 146 -1.66 9.73 -14.88
N THR B 147 -1.07 10.92 -14.85
CA THR B 147 0.40 11.05 -14.76
C THR B 147 0.80 12.08 -13.70
N GLY B 148 2.05 11.99 -13.24
CA GLY B 148 2.52 12.97 -12.29
C GLY B 148 3.57 12.48 -11.31
N THR B 149 4.01 13.37 -10.44
CA THR B 149 5.07 13.06 -9.49
C THR B 149 4.68 13.49 -8.07
N SER B 150 4.99 12.65 -7.10
CA SER B 150 4.81 12.98 -5.70
C SER B 150 6.12 12.81 -4.94
N VAL B 151 6.51 13.84 -4.19
CA VAL B 151 7.68 13.73 -3.32
C VAL B 151 7.27 14.04 -1.88
N HIS B 152 7.47 13.07 -1.00
CA HIS B 152 7.08 13.23 0.40
C HIS B 152 8.36 13.07 1.20
N PHE B 153 8.78 14.10 1.93
CA PHE B 153 10.02 13.99 2.69
C PHE B 153 9.90 14.40 4.14
N TRP B 154 10.68 13.72 4.98
CA TRP B 154 10.74 14.00 6.40
C TRP B 154 12.12 14.58 6.71
N PRO B 155 12.21 15.90 6.89
CA PRO B 155 13.50 16.53 7.19
C PRO B 155 14.12 15.95 8.46
N ASP B 156 15.44 15.77 8.46
CA ASP B 156 16.13 15.32 9.66
C ASP B 156 16.39 16.54 10.55
N GLU B 157 15.77 16.56 11.73
CA GLU B 157 15.80 17.73 12.59
C GLU B 157 17.23 18.09 13.00
N THR B 158 18.13 17.13 12.96
CA THR B 158 19.51 17.37 13.40
C THR B 158 20.26 18.37 12.52
N PHE B 159 19.74 18.64 11.32
CA PHE B 159 20.40 19.57 10.41
C PHE B 159 19.87 21.00 10.50
N PHE B 160 18.78 21.20 11.23
CA PHE B 160 18.09 22.48 11.26
C PHE B 160 17.97 23.07 12.66
N ASP B 161 17.95 24.41 12.73
CA ASP B 161 17.72 25.08 14.00
C ASP B 161 16.35 24.68 14.55
N SER B 162 15.36 24.64 13.67
CA SER B 162 14.04 24.14 14.00
C SER B 162 13.52 23.23 12.88
N PRO B 163 12.89 22.09 13.25
CA PRO B 163 12.30 21.19 12.26
C PRO B 163 10.98 21.73 11.71
N ARG B 164 10.46 22.78 12.34
CA ARG B 164 9.12 23.27 12.05
C ARG B 164 9.10 24.13 10.79
N PHE B 165 8.25 23.76 9.83
CA PHE B 165 8.02 24.59 8.66
C PHE B 165 7.30 25.86 9.09
N SER B 166 7.73 27.01 8.55
CA SER B 166 6.96 28.23 8.71
C SER B 166 5.83 28.24 7.68
N VAL B 167 4.60 28.26 8.18
CA VAL B 167 3.43 28.26 7.30
C VAL B 167 3.29 29.54 6.50
N SER B 168 3.61 30.68 7.11
CA SER B 168 3.51 31.96 6.41
C SER B 168 4.53 32.02 5.27
N ARG B 169 5.74 31.54 5.52
CA ARG B 169 6.77 31.49 4.47
C ARG B 169 6.36 30.55 3.33
N LEU B 170 5.70 29.45 3.68
CA LEU B 170 5.20 28.54 2.65
C LEU B 170 4.12 29.21 1.81
N THR B 171 3.21 29.93 2.46
CA THR B 171 2.10 30.53 1.75
C THR B 171 2.58 31.67 0.85
N HIS B 172 3.58 32.42 1.30
CA HIS B 172 4.15 33.48 0.48
C HIS B 172 4.81 32.93 -0.79
N VAL B 173 5.54 31.82 -0.63
CA VAL B 173 6.14 31.13 -1.77
C VAL B 173 5.07 30.67 -2.76
N LEU B 174 4.07 29.95 -2.27
CA LEU B 174 3.07 29.36 -3.15
C LEU B 174 2.21 30.42 -3.84
N LYS B 175 1.88 31.49 -3.13
CA LYS B 175 1.17 32.59 -3.77
C LYS B 175 2.06 33.13 -4.89
N ALA B 176 3.34 33.29 -4.61
CA ALA B 176 4.28 33.80 -5.60
C ALA B 176 4.32 32.88 -6.83
N LYS B 177 4.34 31.58 -6.59
CA LYS B 177 4.41 30.63 -7.70
C LYS B 177 3.12 30.63 -8.51
N ALA B 178 1.99 30.83 -7.85
CA ALA B 178 0.71 30.82 -8.54
C ALA B 178 0.62 32.00 -9.50
N VAL B 179 1.09 33.17 -9.07
CA VAL B 179 1.07 34.34 -9.95
C VAL B 179 2.06 34.18 -11.09
N LEU B 180 3.12 33.42 -10.84
CA LEU B 180 4.13 33.15 -11.85
C LEU B 180 3.57 32.24 -12.94
N CYS B 181 2.59 31.42 -12.59
CA CYS B 181 2.02 30.48 -13.54
C CYS B 181 0.49 30.56 -13.58
N PRO B 182 -0.04 31.65 -14.15
CA PRO B 182 -1.50 31.78 -14.23
C PRO B 182 -2.13 30.58 -14.93
N GLY B 183 -3.27 30.13 -14.40
CA GLY B 183 -3.93 28.98 -14.97
C GLY B 183 -3.63 27.68 -14.24
N VAL B 184 -2.47 27.58 -13.62
CA VAL B 184 -2.14 26.40 -12.81
C VAL B 184 -2.78 26.56 -11.45
N GLU B 185 -3.44 25.51 -10.97
CA GLU B 185 -3.97 25.54 -9.61
C GLU B 185 -2.92 25.08 -8.63
N ILE B 186 -2.72 25.89 -7.59
CA ILE B 186 -1.82 25.52 -6.51
C ILE B 186 -2.64 25.42 -5.23
N THR B 187 -2.44 24.35 -4.47
CA THR B 187 -3.14 24.21 -3.19
C THR B 187 -2.15 23.96 -2.07
N PHE B 188 -2.56 24.30 -0.86
CA PHE B 188 -1.74 24.02 0.32
C PHE B 188 -2.65 23.53 1.43
N LYS B 189 -2.53 22.25 1.74
CA LYS B 189 -3.30 21.65 2.81
C LYS B 189 -2.41 21.60 4.05
N ASP B 190 -2.85 22.29 5.10
CA ASP B 190 -2.09 22.36 6.35
C ASP B 190 -2.80 21.47 7.36
N GLU B 191 -2.27 20.27 7.55
CA GLU B 191 -2.88 19.28 8.43
C GLU B 191 -2.42 19.43 9.87
N ILE B 192 -1.70 20.51 10.15
CA ILE B 192 -1.39 20.90 11.52
C ILE B 192 -2.44 21.89 12.01
N ASN B 193 -2.70 22.92 11.21
CA ASN B 193 -3.67 23.95 11.59
C ASN B 193 -5.03 23.66 10.97
N ASN B 194 -5.12 22.55 10.23
CA ASN B 194 -6.37 22.13 9.62
C ASN B 194 -6.97 23.20 8.72
N THR B 195 -6.21 23.62 7.72
CA THR B 195 -6.68 24.59 6.74
C THR B 195 -6.30 24.13 5.34
N GLU B 196 -7.02 24.61 4.34
CA GLU B 196 -6.57 24.45 2.96
C GLU B 196 -6.74 25.75 2.20
N GLN B 197 -5.70 26.10 1.45
CA GLN B 197 -5.73 27.30 0.63
C GLN B 197 -5.56 26.93 -0.83
N ARG B 198 -6.28 27.64 -1.69
CA ARG B 198 -6.25 27.38 -3.12
C ARG B 198 -5.99 28.68 -3.87
N TRP B 199 -5.06 28.62 -4.82
CA TRP B 199 -4.74 29.75 -5.69
C TRP B 199 -4.86 29.33 -7.15
N CYS B 200 -5.37 30.23 -7.99
CA CYS B 200 -5.37 29.99 -9.42
C CYS B 200 -5.66 31.30 -10.13
N TYR B 201 -4.62 31.88 -10.72
CA TYR B 201 -4.69 33.21 -11.28
C TYR B 201 -4.95 33.20 -12.78
C1 1EU C . -9.93 -19.17 6.29
C2 1EU C . -9.17 -18.24 7.24
N3 1EU C . -9.38 -18.69 8.62
C4 1EU C . -9.53 -17.83 9.65
O5 1EU C . -9.51 -16.62 9.48
N6 1EU C . -9.73 -18.35 10.90
C7 1EU C . -9.91 -17.58 12.04
N8 1EU C . -10.36 -18.05 13.18
C9 1EU C . -10.44 -17.05 14.09
C10 1EU C . -10.86 -17.00 15.44
C11 1EU C . -10.83 -15.76 16.16
C12 1EU C . -10.36 -14.58 15.51
C13 1EU C . -9.94 -14.62 14.15
C14 1EU C . -9.45 -13.38 13.45
O15 1EU C . -9.16 -13.44 12.27
C16 1EU C . -9.31 -12.07 14.19
C17 1EU C . -9.98 -15.87 13.44
N18 1EU C . -9.66 -16.24 12.16
C20 1EU C . -11.28 -15.71 17.59
C21 1EU C . -10.51 -15.05 18.60
C22 1EU C . -10.98 -15.02 19.93
C23 1EU C . -12.20 -15.65 20.24
N24 1EU C . -12.91 -16.27 19.28
C25 1EU C . -12.50 -16.33 17.99
C1 1EU D . 7.06 16.84 -6.41
C2 1EU D . 8.14 17.41 -7.33
N3 1EU D . 7.67 17.30 -8.71
C4 1EU D . 8.51 17.00 -9.73
O5 1EU D . 9.72 16.82 -9.54
N6 1EU D . 7.99 16.92 -10.99
C7 1EU D . 8.73 16.60 -12.11
N8 1EU D . 8.21 16.29 -13.27
C9 1EU D . 9.20 16.02 -14.16
C10 1EU D . 9.21 15.64 -15.53
C11 1EU D . 10.45 15.43 -16.21
C12 1EU D . 11.68 15.61 -15.51
C13 1EU D . 11.69 15.99 -14.13
C14 1EU D . 12.96 16.19 -13.39
O15 1EU D . 12.94 16.38 -12.19
C16 1EU D . 14.31 16.13 -14.10
C17 1EU D . 10.44 16.20 -13.47
N18 1EU D . 10.10 16.57 -12.18
C20 1EU D . 10.45 15.01 -17.64
C21 1EU D . 9.52 14.01 -18.12
C22 1EU D . 9.56 13.63 -19.47
C23 1EU D . 10.48 14.24 -20.34
N24 1EU D . 11.33 15.19 -19.88
C25 1EU D . 11.35 15.58 -18.59
#